data_6ZDK
#
_entry.id   6ZDK
#
_cell.length_a   128.968
_cell.length_b   128.968
_cell.length_c   48.791
_cell.angle_alpha   90.000
_cell.angle_beta   90.000
_cell.angle_gamma   120.000
#
_symmetry.space_group_name_H-M   'P 62'
#
loop_
_entity.id
_entity.type
_entity.pdbx_description
1 polymer 'Glycoprotein endo-alpha-1,2-mannosidase'
2 non-polymer '4-(2-HYDROXYETHYL)-1-PIPERAZINE ETHANESULFONIC ACID'
3 non-polymer 'MAGNESIUM ION'
4 non-polymer 6-tungstotellurate(VI)
5 water water
#
_entity_poly.entity_id   1
_entity_poly.type   'polypeptide(L)'
_entity_poly.pdbx_seq_one_letter_code
;MNHKVHHHHHHIEGRHMPLNNYLHVFYYSWYGNPQFDGKYIHWNHPVLEHWDPRIAKNYPQGRHNPPDDIGSSFYPELGS
YSSRDPSVIETHMRQMRSASIGVLALSWYPPDVNDENGEPTDNLVPTILDKAHKYNLKVTFHIEPYSNRDDQNMYKNVKY
IIDKYGNHPAFYRYKTKTGNALPMFYVYDSYITKPEKWANLLTTSGSRSIRNSPYDGLFIALLVEEKHKYDILQSGFDGI
YTYFATNGFTYGSSHQNWASLKLFCDKYNLIFIPSVGPGYIDTSIRPWNTQNTRNRINGKYYEIGLSAALQTRPSLISIT
SFNEWHEGTQIEKAVPKRTSNTVYLDYRPHKPGLYLELTRKWSEKYSKERATYALDRQLPVS
;
_entity_poly.pdbx_strand_id   AAA
#
loop_
_chem_comp.id
_chem_comp.type
_chem_comp.name
_chem_comp.formula
EPE non-polymer '4-(2-HYDROXYETHYL)-1-PIPERAZINE ETHANESULFONIC ACID' 'C8 H18 N2 O4 S'
MG non-polymer 'MAGNESIUM ION' 'Mg 2'
TEW non-polymer 6-tungstotellurate(VI) 'O24 Te W6 -6'
#
# COMPACT_ATOMS: atom_id res chain seq x y z
N LEU A 19 -8.71 9.02 15.54
CA LEU A 19 -7.70 8.38 14.66
C LEU A 19 -7.89 6.86 14.71
N ASN A 20 -7.96 6.25 13.53
CA ASN A 20 -8.23 4.82 13.41
C ASN A 20 -6.94 3.96 13.28
N ASN A 21 -6.64 3.19 14.32
CA ASN A 21 -5.43 2.35 14.35
C ASN A 21 -5.52 1.11 13.45
N TYR A 22 -6.70 0.80 12.93
CA TYR A 22 -6.96 -0.39 12.15
C TYR A 22 -7.17 -0.06 10.66
N LEU A 23 -6.81 1.14 10.25
CA LEU A 23 -6.97 1.56 8.85
C LEU A 23 -5.57 1.95 8.38
N HIS A 24 -5.05 1.17 7.44
CA HIS A 24 -3.68 1.29 6.94
C HIS A 24 -3.78 1.85 5.52
N VAL A 25 -2.76 2.60 5.10
CA VAL A 25 -2.72 3.13 3.74
C VAL A 25 -1.33 2.88 3.16
N PHE A 26 -1.27 2.45 1.91
CA PHE A 26 0.03 2.21 1.28
C PHE A 26 0.66 3.54 0.85
N TYR A 27 1.90 3.75 1.27
CA TYR A 27 2.62 5.01 1.11
C TYR A 27 3.92 4.78 0.35
N TYR A 28 4.24 5.71 -0.54
CA TYR A 28 5.44 5.64 -1.36
C TYR A 28 6.36 6.87 -1.09
N SER A 29 7.65 6.63 -0.96
CA SER A 29 8.63 7.68 -0.67
C SER A 29 9.69 7.74 -1.78
N TRP A 30 9.31 7.42 -3.00
CA TRP A 30 10.25 7.26 -4.11
C TRP A 30 10.31 8.47 -5.09
N TYR A 31 9.57 9.54 -4.81
CA TYR A 31 9.53 10.73 -5.67
C TYR A 31 10.73 11.69 -5.39
N GLY A 32 11.33 12.22 -6.45
CA GLY A 32 12.47 13.15 -6.37
C GLY A 32 12.36 14.30 -7.38
N ASN A 33 12.95 15.44 -7.06
CA ASN A 33 13.04 16.56 -8.01
C ASN A 33 14.41 17.26 -7.92
N PRO A 34 14.74 18.14 -8.88
CA PRO A 34 16.01 18.84 -8.87
C PRO A 34 16.42 19.49 -7.54
N GLN A 35 15.55 20.29 -6.95
CA GLN A 35 15.87 21.03 -5.72
C GLN A 35 16.37 20.11 -4.57
N PHE A 36 15.70 19.00 -4.30
CA PHE A 36 16.06 18.13 -3.18
C PHE A 36 16.81 16.87 -3.55
N ASP A 37 16.74 16.43 -4.79
CA ASP A 37 17.42 15.19 -5.17
C ASP A 37 18.42 15.35 -6.32
N GLY A 38 18.55 16.55 -6.88
CA GLY A 38 19.47 16.79 -7.99
C GLY A 38 19.02 16.28 -9.35
N LYS A 39 17.78 15.82 -9.46
CA LYS A 39 17.19 15.32 -10.71
C LYS A 39 15.79 14.90 -10.37
N TYR A 40 14.98 14.64 -11.39
CA TYR A 40 13.65 14.11 -11.14
C TYR A 40 13.76 12.60 -10.93
N ILE A 41 12.97 12.06 -10.00
CA ILE A 41 12.88 10.62 -9.81
C ILE A 41 11.40 10.25 -9.78
N HIS A 42 11.05 9.18 -10.50
CA HIS A 42 9.66 8.68 -10.67
C HIS A 42 8.70 9.58 -11.42
N TRP A 43 8.68 10.89 -11.15
CA TRP A 43 7.84 11.78 -11.94
C TRP A 43 8.17 11.67 -13.43
N ASN A 44 9.46 11.51 -13.73
CA ASN A 44 9.95 11.27 -15.09
C ASN A 44 9.94 9.76 -15.48
N HIS A 45 8.86 9.06 -15.16
CA HIS A 45 8.78 7.62 -15.33
C HIS A 45 8.84 7.31 -16.84
N PRO A 46 9.54 6.23 -17.24
CA PRO A 46 9.44 5.85 -18.65
C PRO A 46 8.09 5.25 -18.95
N VAL A 47 7.65 5.35 -20.20
CA VAL A 47 6.47 4.65 -20.67
C VAL A 47 6.91 3.20 -20.84
N LEU A 48 6.15 2.28 -20.25
CA LEU A 48 6.58 0.89 -20.23
C LEU A 48 6.25 0.27 -21.57
N GLU A 49 7.13 -0.64 -21.98
CA GLU A 49 7.14 -1.21 -23.31
C GLU A 49 6.28 -2.44 -23.22
N HIS A 50 5.22 -2.51 -24.03
CA HIS A 50 4.44 -3.75 -24.17
C HIS A 50 5.37 -4.86 -24.74
N TRP A 51 5.25 -6.10 -24.26
CA TRP A 51 6.16 -7.19 -24.69
C TRP A 51 6.16 -7.46 -26.19
N ASP A 52 5.00 -7.29 -26.82
CA ASP A 52 4.80 -7.43 -28.26
C ASP A 52 5.13 -6.11 -29.00
N PRO A 53 6.23 -6.07 -29.76
CA PRO A 53 6.61 -4.79 -30.40
C PRO A 53 5.64 -4.29 -31.46
N ARG A 54 4.85 -5.18 -32.06
CA ARG A 54 3.84 -4.78 -33.03
C ARG A 54 2.78 -3.87 -32.38
N ILE A 55 2.49 -4.10 -31.10
CA ILE A 55 1.51 -3.28 -30.37
C ILE A 55 2.18 -2.02 -29.81
N ALA A 56 3.28 -2.20 -29.07
CA ALA A 56 4.03 -1.10 -28.45
C ALA A 56 4.33 0.12 -29.37
N LYS A 57 4.52 -0.13 -30.66
CA LYS A 57 4.85 0.94 -31.61
C LYS A 57 3.73 1.96 -31.85
N ASN A 58 2.47 1.56 -31.59
CA ASN A 58 1.33 2.47 -31.68
C ASN A 58 1.14 3.41 -30.48
N TYR A 59 1.94 3.28 -29.43
CA TYR A 59 1.75 4.04 -28.21
C TYR A 59 2.96 4.91 -27.95
N PRO A 60 2.81 5.93 -27.09
CA PRO A 60 3.95 6.76 -26.70
C PRO A 60 5.15 5.95 -26.17
N GLN A 61 6.31 6.60 -26.15
CA GLN A 61 7.58 6.00 -25.80
C GLN A 61 8.48 7.04 -25.18
N GLY A 62 9.33 6.63 -24.25
CA GLY A 62 10.32 7.51 -23.60
C GLY A 62 9.92 7.97 -22.20
N ARG A 63 10.74 8.85 -21.65
CA ARG A 63 10.65 9.31 -20.29
C ARG A 63 9.73 10.55 -20.23
N HIS A 64 8.79 10.58 -19.31
CA HIS A 64 8.03 11.82 -19.06
C HIS A 64 8.98 12.97 -18.65
N ASN A 65 8.56 14.21 -18.91
CA ASN A 65 9.40 15.41 -18.71
C ASN A 65 8.85 16.44 -17.70
N PRO A 66 9.06 16.20 -16.39
CA PRO A 66 8.47 17.10 -15.39
C PRO A 66 9.14 18.50 -15.42
N PRO A 67 8.49 19.53 -14.89
CA PRO A 67 7.30 19.42 -14.04
C PRO A 67 5.96 19.39 -14.75
N ASP A 68 5.89 19.81 -16.00
CA ASP A 68 4.58 19.88 -16.68
C ASP A 68 4.08 18.56 -17.24
N ASP A 69 5.00 17.70 -17.70
CA ASP A 69 4.66 16.35 -18.15
C ASP A 69 5.15 15.31 -17.12
N ILE A 70 4.21 14.68 -16.42
CA ILE A 70 4.56 13.65 -15.44
C ILE A 70 3.93 12.26 -15.75
N GLY A 71 4.49 11.22 -15.16
CA GLY A 71 3.94 9.87 -15.28
C GLY A 71 2.81 9.59 -14.29
N SER A 72 1.74 10.38 -14.42
CA SER A 72 0.49 10.19 -13.71
C SER A 72 -0.61 10.75 -14.60
N SER A 73 -1.81 10.21 -14.44
CA SER A 73 -3.00 10.76 -15.11
C SER A 73 -3.57 11.97 -14.32
N PHE A 74 -3.19 12.11 -13.05
CA PHE A 74 -3.59 13.21 -12.19
C PHE A 74 -2.36 14.04 -11.91
N TYR A 75 -2.54 15.20 -11.29
CA TYR A 75 -1.45 16.08 -10.93
C TYR A 75 -1.56 16.49 -9.46
N PRO A 76 -0.48 16.36 -8.66
CA PRO A 76 -0.60 16.64 -7.22
C PRO A 76 -0.68 18.10 -6.89
N GLU A 77 -1.40 18.39 -5.80
CA GLU A 77 -1.39 19.72 -5.26
C GLU A 77 0.04 20.21 -4.96
N LEU A 78 0.92 19.35 -4.46
CA LEU A 78 2.31 19.73 -4.13
C LEU A 78 3.26 19.77 -5.35
N GLY A 79 2.74 19.64 -6.57
CA GLY A 79 3.58 19.62 -7.77
C GLY A 79 4.33 18.31 -7.88
N SER A 80 5.42 18.34 -8.64
CA SER A 80 6.28 17.18 -8.78
C SER A 80 7.27 17.25 -7.65
N TYR A 81 6.82 16.75 -6.50
CA TYR A 81 7.48 16.95 -5.23
C TYR A 81 8.57 15.96 -4.95
N SER A 82 9.31 16.21 -3.90
CA SER A 82 10.34 15.33 -3.41
C SER A 82 9.86 14.64 -2.14
N SER A 83 10.10 13.34 -2.08
CA SER A 83 9.72 12.54 -0.94
C SER A 83 10.56 12.88 0.28
N ARG A 84 11.79 13.38 0.08
CA ARG A 84 12.69 13.79 1.17
C ARG A 84 12.67 15.30 1.48
N ASP A 85 11.64 16.01 1.00
CA ASP A 85 11.41 17.39 1.38
C ASP A 85 10.63 17.32 2.69
N PRO A 86 11.19 17.84 3.80
CA PRO A 86 10.52 17.64 5.08
C PRO A 86 9.09 18.19 5.17
N SER A 87 8.74 19.25 4.43
CA SER A 87 7.34 19.75 4.49
C SER A 87 6.37 18.99 3.59
N VAL A 88 6.88 18.27 2.58
CA VAL A 88 6.08 17.27 1.86
C VAL A 88 5.69 16.14 2.83
N ILE A 89 6.67 15.60 3.56
CA ILE A 89 6.40 14.50 4.52
C ILE A 89 5.39 14.98 5.57
N GLU A 90 5.57 16.18 6.08
CA GLU A 90 4.60 16.77 7.03
C GLU A 90 3.21 17.00 6.46
N THR A 91 3.14 17.45 5.21
CA THR A 91 1.86 17.63 4.54
C THR A 91 1.16 16.27 4.41
N HIS A 92 1.91 15.28 3.96
CA HIS A 92 1.37 13.94 3.88
C HIS A 92 0.88 13.42 5.24
N MET A 93 1.69 13.56 6.29
CA MET A 93 1.24 13.20 7.66
C MET A 93 -0.04 13.92 8.06
N ARG A 94 -0.17 15.21 7.73
CA ARG A 94 -1.42 15.92 8.03
C ARG A 94 -2.61 15.28 7.36
N GLN A 95 -2.49 15.01 6.07
CA GLN A 95 -3.61 14.54 5.26
C GLN A 95 -4.12 13.18 5.73
N MET A 96 -3.18 12.32 6.09
CA MET A 96 -3.49 11.00 6.59
C MET A 96 -4.21 11.11 7.92
N ARG A 97 -3.64 11.89 8.83
CA ARG A 97 -4.29 12.17 10.12
C ARG A 97 -5.67 12.76 9.91
N SER A 98 -5.81 13.66 8.96
CA SER A 98 -7.09 14.29 8.72
C SER A 98 -8.11 13.35 8.10
N ALA A 99 -7.61 12.38 7.33
CA ALA A 99 -8.41 11.29 6.82
C ALA A 99 -8.76 10.22 7.87
N SER A 100 -8.16 10.33 9.06
CA SER A 100 -8.32 9.40 10.20
C SER A 100 -7.78 7.99 9.88
N ILE A 101 -6.56 8.00 9.35
CA ILE A 101 -5.80 6.83 9.01
C ILE A 101 -4.64 6.80 9.99
N GLY A 102 -4.51 5.72 10.75
CA GLY A 102 -3.54 5.62 11.83
C GLY A 102 -2.18 5.15 11.41
N VAL A 103 -2.11 4.46 10.26
CA VAL A 103 -0.90 3.75 9.87
C VAL A 103 -0.63 3.93 8.39
N LEU A 104 0.62 4.25 8.08
CA LEU A 104 1.09 4.21 6.71
C LEU A 104 1.98 2.96 6.56
N ALA A 105 1.66 2.16 5.54
CA ALA A 105 2.44 0.98 5.18
C ALA A 105 3.42 1.44 4.09
N LEU A 106 4.65 1.68 4.52
CA LEU A 106 5.69 2.25 3.70
C LEU A 106 6.32 1.22 2.76
N SER A 107 6.22 1.47 1.44
CA SER A 107 6.94 0.68 0.41
C SER A 107 8.43 0.68 0.73
N TRP A 108 9.01 -0.52 0.80
CA TRP A 108 10.36 -0.65 1.34
C TRP A 108 11.21 -1.61 0.53
N TYR A 109 12.45 -1.18 0.27
CA TYR A 109 13.50 -1.95 -0.39
C TYR A 109 14.68 -1.95 0.56
N PRO A 110 15.51 -3.01 0.54
CA PRO A 110 16.66 -3.00 1.45
C PRO A 110 17.66 -1.88 1.15
N PRO A 111 18.55 -1.56 2.11
CA PRO A 111 19.61 -0.55 1.95
C PRO A 111 20.39 -0.67 0.64
N ASP A 112 20.56 0.46 -0.05
CA ASP A 112 21.25 0.57 -1.36
C ASP A 112 20.56 -0.16 -2.50
N VAL A 113 19.26 -0.43 -2.35
CA VAL A 113 18.47 -1.15 -3.36
C VAL A 113 17.25 -0.28 -3.65
N ASN A 114 16.67 -0.46 -4.83
CA ASN A 114 15.49 0.32 -5.25
C ASN A 114 14.68 -0.43 -6.31
N ASP A 115 13.46 0.06 -6.54
CA ASP A 115 12.68 -0.32 -7.73
C ASP A 115 13.46 0.14 -8.96
N GLU A 116 13.18 -0.44 -10.13
CA GLU A 116 14.05 -0.22 -11.30
CA GLU A 116 14.04 -0.23 -11.29
C GLU A 116 14.03 1.23 -11.82
N ASN A 117 12.94 1.95 -11.56
CA ASN A 117 12.78 3.35 -11.96
C ASN A 117 13.09 4.36 -10.86
N GLY A 118 13.74 3.95 -9.77
CA GLY A 118 13.97 4.85 -8.62
C GLY A 118 15.36 4.74 -8.03
N GLU A 119 15.57 5.46 -6.93
CA GLU A 119 16.81 5.45 -6.15
C GLU A 119 16.53 4.86 -4.76
N PRO A 120 17.60 4.51 -4.00
CA PRO A 120 17.36 3.94 -2.67
C PRO A 120 16.58 4.86 -1.76
N THR A 121 15.77 4.26 -0.88
CA THR A 121 14.82 4.95 -0.01
C THR A 121 14.90 4.56 1.48
N ASP A 122 15.61 3.48 1.83
CA ASP A 122 15.73 3.09 3.26
C ASP A 122 16.33 4.21 4.13
N ASN A 123 17.32 4.94 3.60
CA ASN A 123 17.92 6.11 4.30
C ASN A 123 16.94 7.22 4.68
N LEU A 124 15.78 7.26 4.03
CA LEU A 124 14.73 8.22 4.38
C LEU A 124 13.79 7.76 5.51
N VAL A 125 13.86 6.48 5.88
CA VAL A 125 12.91 5.91 6.85
C VAL A 125 12.94 6.66 8.19
N PRO A 126 14.16 6.95 8.72
CA PRO A 126 14.21 7.65 10.01
C PRO A 126 13.47 8.99 10.04
N THR A 127 13.54 9.76 8.96
CA THR A 127 12.81 11.02 8.87
C THR A 127 11.32 10.78 8.91
N ILE A 128 10.84 9.81 8.13
CA ILE A 128 9.41 9.53 8.03
C ILE A 128 8.79 9.10 9.37
N LEU A 129 9.50 8.20 10.08
CA LEU A 129 9.15 7.82 11.46
C LEU A 129 9.04 9.03 12.40
N ASP A 130 10.06 9.91 12.42
CA ASP A 130 10.01 11.18 13.22
C ASP A 130 8.79 12.03 12.92
N LYS A 131 8.46 12.21 11.64
CA LYS A 131 7.32 13.07 11.24
C LYS A 131 5.99 12.39 11.54
N ALA A 132 5.93 11.08 11.32
CA ALA A 132 4.74 10.31 11.72
C ALA A 132 4.49 10.47 13.23
N HIS A 133 5.57 10.39 14.03
CA HIS A 133 5.44 10.55 15.47
C HIS A 133 4.88 11.92 15.83
N LYS A 134 5.39 12.96 15.18
CA LYS A 134 4.91 14.32 15.37
C LYS A 134 3.41 14.45 15.17
N TYR A 135 2.83 13.70 14.22
CA TYR A 135 1.37 13.69 14.01
C TYR A 135 0.69 12.46 14.63
N ASN A 136 1.39 11.77 15.53
CA ASN A 136 0.86 10.60 16.26
C ASN A 136 0.31 9.48 15.34
N LEU A 137 1.05 9.20 14.26
CA LEU A 137 0.76 8.15 13.31
C LEU A 137 1.79 7.06 13.45
N LYS A 138 1.44 5.89 12.92
CA LYS A 138 2.32 4.72 12.96
C LYS A 138 2.76 4.29 11.56
N VAL A 139 3.89 3.60 11.52
CA VAL A 139 4.58 3.25 10.29
C VAL A 139 4.87 1.75 10.30
N THR A 140 4.23 1.01 9.40
CA THR A 140 4.56 -0.39 9.13
C THR A 140 5.21 -0.50 7.73
N PHE A 141 5.58 -1.71 7.34
CA PHE A 141 6.50 -1.94 6.24
C PHE A 141 5.92 -2.86 5.16
N HIS A 142 5.96 -2.39 3.91
CA HIS A 142 5.41 -3.08 2.76
C HIS A 142 6.58 -3.59 1.95
N ILE A 143 6.93 -4.85 2.18
CA ILE A 143 8.17 -5.40 1.65
C ILE A 143 8.03 -5.70 0.16
N GLU A 144 8.77 -4.94 -0.65
CA GLU A 144 8.71 -5.06 -2.10
C GLU A 144 9.49 -6.27 -2.59
N PRO A 145 9.20 -6.73 -3.81
CA PRO A 145 9.92 -7.88 -4.36
C PRO A 145 11.28 -7.44 -4.93
N TYR A 146 12.23 -7.23 -4.03
CA TYR A 146 13.59 -6.89 -4.40
C TYR A 146 14.26 -8.12 -5.03
N SER A 147 15.31 -7.89 -5.80
CA SER A 147 15.92 -8.97 -6.59
C SER A 147 16.54 -10.01 -5.66
N ASN A 148 16.27 -11.27 -5.97
CA ASN A 148 16.69 -12.44 -5.18
C ASN A 148 16.14 -12.51 -3.74
N ARG A 149 14.99 -11.87 -3.48
CA ARG A 149 14.35 -11.97 -2.18
C ARG A 149 13.99 -13.44 -1.93
N ASP A 150 14.43 -13.96 -0.80
CA ASP A 150 14.14 -15.34 -0.38
C ASP A 150 13.95 -15.36 1.12
N ASP A 151 13.69 -16.53 1.67
CA ASP A 151 13.54 -16.66 3.13
C ASP A 151 14.79 -16.23 3.93
N GLN A 152 15.97 -16.49 3.38
CA GLN A 152 17.23 -16.16 4.07
C GLN A 152 17.53 -14.65 4.17
N ASN A 153 17.46 -13.94 3.05
CA ASN A 153 17.64 -12.48 3.11
C ASN A 153 16.40 -11.79 3.70
N MET A 154 15.23 -12.43 3.66
CA MET A 154 14.06 -11.91 4.41
C MET A 154 14.26 -11.97 5.91
N TYR A 155 14.95 -12.99 6.41
CA TYR A 155 15.37 -13.05 7.82
C TYR A 155 16.21 -11.82 8.15
N LYS A 156 17.25 -11.63 7.34
CA LYS A 156 18.17 -10.50 7.53
C LYS A 156 17.43 -9.16 7.53
N ASN A 157 16.51 -8.97 6.59
CA ASN A 157 15.80 -7.69 6.47
C ASN A 157 14.75 -7.43 7.55
N VAL A 158 14.06 -8.49 7.97
CA VAL A 158 13.17 -8.39 9.14
C VAL A 158 13.98 -8.01 10.36
N LYS A 159 15.14 -8.63 10.51
CA LYS A 159 16.02 -8.34 11.64
C LYS A 159 16.44 -6.89 11.62
N TYR A 160 16.94 -6.46 10.46
CA TYR A 160 17.35 -5.08 10.19
C TYR A 160 16.28 -4.07 10.54
N ILE A 161 15.09 -4.28 10.00
CA ILE A 161 13.99 -3.36 10.21
C ILE A 161 13.71 -3.30 11.69
N ILE A 162 13.53 -4.45 12.33
CA ILE A 162 13.15 -4.45 13.77
C ILE A 162 14.28 -3.86 14.62
N ASP A 163 15.53 -4.21 14.32
CA ASP A 163 16.67 -3.66 15.07
C ASP A 163 16.74 -2.15 14.93
N LYS A 164 16.80 -1.65 13.71
CA LYS A 164 16.99 -0.23 13.45
C LYS A 164 15.81 0.65 13.84
N TYR A 165 14.58 0.20 13.58
CA TYR A 165 13.40 1.05 13.71
C TYR A 165 12.42 0.61 14.79
N GLY A 166 12.60 -0.59 15.32
CA GLY A 166 11.67 -1.18 16.31
C GLY A 166 11.46 -0.38 17.57
N ASN A 167 12.51 0.27 18.07
CA ASN A 167 12.41 1.09 19.29
C ASN A 167 11.85 2.49 19.09
N HIS A 168 11.53 2.86 17.87
CA HIS A 168 11.08 4.22 17.58
C HIS A 168 9.62 4.35 17.97
N PRO A 169 9.23 5.44 18.65
CA PRO A 169 7.84 5.55 19.10
C PRO A 169 6.72 5.53 18.02
N ALA A 170 7.06 5.71 16.74
CA ALA A 170 6.09 5.61 15.64
C ALA A 170 6.13 4.25 14.90
N PHE A 171 6.99 3.34 15.33
CA PHE A 171 7.04 2.00 14.73
C PHE A 171 5.72 1.31 15.03
N TYR A 172 5.05 0.79 13.99
CA TYR A 172 3.76 0.13 14.17
C TYR A 172 3.89 -1.26 14.78
N ARG A 173 3.07 -1.52 15.80
CA ARG A 173 2.79 -2.87 16.26
C ARG A 173 1.28 -3.08 16.41
N TYR A 174 0.79 -4.22 15.93
CA TYR A 174 -0.60 -4.58 16.16
C TYR A 174 -0.72 -4.95 17.64
N LYS A 175 -1.59 -4.24 18.35
CA LYS A 175 -1.80 -4.42 19.79
C LYS A 175 -2.90 -5.43 20.04
N THR A 176 -2.48 -6.66 20.29
CA THR A 176 -3.34 -7.69 20.85
C THR A 176 -3.74 -7.28 22.29
N LYS A 177 -4.92 -7.72 22.73
CA LYS A 177 -5.36 -7.48 24.12
C LYS A 177 -4.48 -8.16 25.18
N THR A 178 -3.92 -9.32 24.83
CA THR A 178 -2.91 -9.97 25.66
C THR A 178 -1.71 -10.33 24.79
N GLY A 179 -0.54 -10.44 25.44
CA GLY A 179 0.69 -10.75 24.75
C GLY A 179 1.37 -9.48 24.21
N ASN A 180 2.62 -9.65 23.79
CA ASN A 180 3.38 -8.53 23.27
C ASN A 180 2.90 -8.15 21.85
N ALA A 181 2.74 -6.86 21.63
CA ALA A 181 2.35 -6.28 20.34
C ALA A 181 3.35 -6.67 19.25
N LEU A 182 2.83 -7.07 18.09
CA LEU A 182 3.66 -7.63 17.01
C LEU A 182 3.86 -6.64 15.87
N PRO A 183 5.11 -6.52 15.37
CA PRO A 183 5.39 -5.86 14.09
C PRO A 183 4.59 -6.48 12.94
N MET A 184 4.25 -5.69 11.93
CA MET A 184 3.59 -6.20 10.73
C MET A 184 4.46 -6.01 9.47
N PHE A 185 4.41 -6.99 8.56
CA PHE A 185 5.10 -6.91 7.28
C PHE A 185 4.12 -7.39 6.21
N TYR A 186 3.73 -6.49 5.31
CA TYR A 186 2.99 -6.85 4.11
C TYR A 186 4.04 -7.32 3.10
N VAL A 187 3.88 -8.49 2.52
CA VAL A 187 4.91 -9.03 1.62
C VAL A 187 4.31 -9.06 0.26
N TYR A 188 4.63 -8.04 -0.55
CA TYR A 188 4.15 -7.98 -1.92
C TYR A 188 4.80 -9.09 -2.78
N ASP A 189 3.97 -9.79 -3.58
CA ASP A 189 4.39 -10.87 -4.49
C ASP A 189 5.06 -12.03 -3.72
N SER A 190 4.48 -12.33 -2.56
CA SER A 190 4.89 -13.45 -1.73
C SER A 190 4.82 -14.80 -2.45
N TYR A 191 3.89 -14.96 -3.38
CA TYR A 191 3.73 -16.21 -4.13
C TYR A 191 4.92 -16.60 -5.04
N ILE A 192 5.76 -15.63 -5.40
CA ILE A 192 7.03 -15.86 -6.09
C ILE A 192 7.97 -16.83 -5.37
N THR A 193 7.94 -16.84 -4.04
CA THR A 193 8.77 -17.71 -3.24
C THR A 193 7.91 -18.92 -2.82
N LYS A 194 8.46 -20.11 -3.01
CA LYS A 194 7.73 -21.36 -2.74
C LYS A 194 7.38 -21.54 -1.26
N PRO A 195 6.22 -22.18 -0.95
CA PRO A 195 5.76 -22.35 0.43
C PRO A 195 6.75 -23.01 1.38
N GLU A 196 7.53 -23.95 0.88
CA GLU A 196 8.50 -24.67 1.68
C GLU A 196 9.65 -23.75 2.08
N LYS A 197 10.04 -22.81 1.21
CA LYS A 197 11.03 -21.79 1.59
C LYS A 197 10.47 -20.84 2.65
N TRP A 198 9.24 -20.36 2.48
CA TRP A 198 8.63 -19.48 3.49
C TRP A 198 8.50 -20.12 4.89
N ALA A 199 8.19 -21.42 4.91
CA ALA A 199 8.02 -22.19 6.14
C ALA A 199 9.29 -22.26 6.94
N ASN A 200 10.45 -22.23 6.27
CA ASN A 200 11.73 -22.14 6.98
C ASN A 200 11.72 -20.97 7.93
N LEU A 201 11.08 -19.88 7.51
CA LEU A 201 11.04 -18.63 8.23
C LEU A 201 9.82 -18.48 9.14
N LEU A 202 8.66 -18.94 8.66
CA LEU A 202 7.38 -18.53 9.23
C LEU A 202 6.65 -19.60 10.05
N THR A 203 7.08 -20.87 9.98
CA THR A 203 6.56 -21.94 10.84
C THR A 203 7.43 -22.10 12.09
N THR A 204 6.84 -22.70 13.12
CA THR A 204 7.49 -22.78 14.44
C THR A 204 8.81 -23.53 14.40
N SER A 205 8.82 -24.65 13.70
CA SER A 205 10.02 -25.49 13.68
C SER A 205 10.79 -25.35 12.37
N GLY A 206 10.58 -24.25 11.65
CA GLY A 206 11.35 -23.99 10.45
C GLY A 206 12.80 -23.73 10.82
N SER A 207 13.72 -24.13 9.93
CA SER A 207 15.15 -24.00 10.15
C SER A 207 15.64 -22.59 10.45
N ARG A 208 14.95 -21.56 9.96
CA ARG A 208 15.29 -20.16 10.31
C ARG A 208 14.06 -19.41 10.86
N SER A 209 13.37 -20.08 11.77
CA SER A 209 12.10 -19.60 12.28
C SER A 209 12.26 -18.34 13.10
N ILE A 210 11.46 -17.32 12.79
CA ILE A 210 11.37 -16.11 13.63
C ILE A 210 10.27 -16.23 14.68
N ARG A 211 9.52 -17.33 14.69
CA ARG A 211 8.42 -17.49 15.64
C ARG A 211 8.97 -17.64 17.03
N ASN A 212 8.33 -16.97 17.99
CA ASN A 212 8.74 -16.93 19.41
C ASN A 212 10.15 -16.39 19.61
N SER A 213 10.60 -15.53 18.70
CA SER A 213 11.93 -14.91 18.78
C SER A 213 11.72 -13.40 18.93
N PRO A 214 12.78 -12.64 19.21
CA PRO A 214 12.57 -11.19 19.30
C PRO A 214 12.17 -10.55 17.97
N TYR A 215 12.31 -11.27 16.86
CA TYR A 215 11.92 -10.80 15.52
C TYR A 215 10.67 -11.46 14.98
N ASP A 216 9.73 -11.79 15.85
CA ASP A 216 8.47 -12.34 15.42
C ASP A 216 7.66 -11.14 14.92
N GLY A 217 6.59 -11.43 14.16
CA GLY A 217 5.66 -10.43 13.71
C GLY A 217 4.47 -11.07 13.03
N LEU A 218 3.66 -10.23 12.39
CA LEU A 218 2.53 -10.67 11.59
C LEU A 218 2.89 -10.40 10.13
N PHE A 219 3.07 -11.47 9.37
CA PHE A 219 3.45 -11.40 8.00
C PHE A 219 2.20 -11.65 7.16
N ILE A 220 1.91 -10.73 6.24
CA ILE A 220 0.68 -10.76 5.45
C ILE A 220 1.08 -10.99 4.01
N ALA A 221 0.52 -12.01 3.39
CA ALA A 221 0.88 -12.40 2.04
C ALA A 221 -0.09 -11.78 1.06
N LEU A 222 0.39 -11.45 -0.14
CA LEU A 222 -0.50 -11.05 -1.23
C LEU A 222 -1.16 -12.24 -1.88
N LEU A 223 -2.50 -12.27 -1.89
CA LEU A 223 -3.25 -13.29 -2.61
C LEU A 223 -3.76 -12.73 -3.92
N VAL A 224 -3.44 -13.41 -5.01
CA VAL A 224 -3.83 -12.99 -6.35
C VAL A 224 -4.94 -13.92 -6.82
N GLU A 225 -4.61 -15.21 -6.97
CA GLU A 225 -5.52 -16.23 -7.44
C GLU A 225 -6.11 -16.99 -6.26
N GLU A 226 -7.31 -17.58 -6.43
CA GLU A 226 -7.93 -18.37 -5.35
C GLU A 226 -7.03 -19.52 -4.89
N LYS A 227 -6.36 -20.20 -5.83
CA LYS A 227 -5.49 -21.32 -5.48
C LYS A 227 -4.31 -20.94 -4.56
N HIS A 228 -3.93 -19.67 -4.54
CA HIS A 228 -2.85 -19.21 -3.68
C HIS A 228 -3.16 -19.34 -2.17
N LYS A 229 -4.45 -19.39 -1.81
CA LYS A 229 -4.91 -19.66 -0.42
C LYS A 229 -4.14 -20.75 0.32
N TYR A 230 -3.95 -21.87 -0.36
CA TYR A 230 -3.43 -23.09 0.26
C TYR A 230 -1.93 -22.95 0.42
N ASP A 231 -1.31 -22.39 -0.61
CA ASP A 231 0.10 -22.09 -0.54
C ASP A 231 0.41 -21.17 0.63
N ILE A 232 -0.43 -20.15 0.78
CA ILE A 232 -0.34 -19.21 1.89
C ILE A 232 -0.44 -19.91 3.26
N LEU A 233 -1.38 -20.85 3.42
CA LEU A 233 -1.45 -21.68 4.65
C LEU A 233 -0.18 -22.46 4.91
N GLN A 234 0.29 -23.16 3.89
CA GLN A 234 1.47 -23.97 4.03
C GLN A 234 2.71 -23.13 4.37
N SER A 235 2.79 -21.90 3.85
CA SER A 235 3.95 -21.02 4.09
C SER A 235 4.08 -20.56 5.53
N GLY A 236 2.96 -20.47 6.25
CA GLY A 236 2.97 -20.01 7.66
C GLY A 236 2.68 -18.53 7.85
N PHE A 237 2.27 -17.82 6.80
CA PHE A 237 1.83 -16.42 6.92
C PHE A 237 0.67 -16.26 7.92
N ASP A 238 0.65 -15.09 8.57
CA ASP A 238 -0.39 -14.72 9.54
C ASP A 238 -1.61 -14.04 8.94
N GLY A 239 -1.53 -13.59 7.69
CA GLY A 239 -2.70 -13.00 7.04
C GLY A 239 -2.61 -12.90 5.52
N ILE A 240 -3.67 -12.36 4.92
CA ILE A 240 -3.64 -12.02 3.50
C ILE A 240 -4.17 -10.60 3.24
N TYR A 241 -3.66 -10.02 2.17
CA TYR A 241 -4.18 -8.77 1.63
C TYR A 241 -4.23 -8.87 0.13
N THR A 242 -4.97 -7.98 -0.49
CA THR A 242 -5.30 -8.09 -1.90
C THR A 242 -4.69 -7.02 -2.83
N TYR A 243 -4.30 -5.88 -2.25
CA TYR A 243 -3.61 -4.73 -2.86
C TYR A 243 -4.35 -4.02 -4.00
N PHE A 244 -4.56 -4.67 -5.12
CA PHE A 244 -5.00 -4.01 -6.33
C PHE A 244 -6.32 -3.25 -6.22
N ALA A 245 -6.31 -2.06 -6.80
CA ALA A 245 -7.44 -1.14 -6.68
C ALA A 245 -8.53 -1.48 -7.67
N THR A 246 -8.20 -2.26 -8.70
CA THR A 246 -9.13 -2.54 -9.77
C THR A 246 -9.99 -3.75 -9.43
N ASN A 247 -11.26 -3.49 -9.17
CA ASN A 247 -12.28 -4.54 -8.95
C ASN A 247 -12.42 -5.42 -10.20
N GLY A 248 -11.93 -6.65 -10.09
CA GLY A 248 -12.00 -7.61 -11.20
C GLY A 248 -10.69 -7.99 -11.84
N PHE A 249 -9.60 -7.35 -11.43
CA PHE A 249 -8.29 -7.58 -12.02
C PHE A 249 -7.78 -8.94 -11.58
N THR A 250 -7.86 -9.22 -10.28
CA THR A 250 -7.51 -10.53 -9.74
C THR A 250 -8.68 -11.11 -8.96
N TYR A 251 -8.61 -12.40 -8.65
CA TYR A 251 -9.58 -13.04 -7.76
C TYR A 251 -9.63 -12.29 -6.40
N GLY A 252 -8.46 -11.98 -5.85
CA GLY A 252 -8.37 -11.29 -4.58
C GLY A 252 -8.95 -9.90 -4.59
N SER A 253 -8.80 -9.20 -5.71
CA SER A 253 -9.19 -7.78 -5.80
C SER A 253 -10.64 -7.59 -6.22
N SER A 254 -11.36 -8.69 -6.44
CA SER A 254 -12.80 -8.63 -6.72
C SER A 254 -13.63 -8.67 -5.43
N HIS A 255 -14.40 -7.59 -5.23
CA HIS A 255 -15.30 -7.41 -4.08
C HIS A 255 -16.19 -8.59 -3.80
N GLN A 256 -16.66 -9.24 -4.85
CA GLN A 256 -17.58 -10.36 -4.70
C GLN A 256 -16.95 -11.57 -3.99
N ASN A 257 -15.61 -11.70 -4.09
CA ASN A 257 -14.87 -12.78 -3.43
C ASN A 257 -14.46 -12.46 -1.99
N TRP A 258 -14.70 -11.23 -1.54
CA TRP A 258 -14.23 -10.82 -0.22
C TRP A 258 -14.89 -11.56 0.93
N ALA A 259 -16.18 -11.88 0.78
CA ALA A 259 -16.91 -12.67 1.77
C ALA A 259 -16.26 -14.03 1.99
N SER A 260 -15.88 -14.69 0.89
CA SER A 260 -15.30 -16.06 0.97
C SER A 260 -13.93 -16.04 1.59
N LEU A 261 -13.08 -15.12 1.11
CA LEU A 261 -11.77 -14.94 1.68
C LEU A 261 -11.84 -14.73 3.19
N LYS A 262 -12.83 -13.97 3.62
CA LYS A 262 -13.03 -13.69 5.04
C LYS A 262 -13.36 -14.98 5.79
N LEU A 263 -14.30 -15.77 5.24
CA LEU A 263 -14.67 -17.12 5.76
C LEU A 263 -13.47 -18.06 5.86
N PHE A 264 -12.68 -18.11 4.80
CA PHE A 264 -11.40 -18.86 4.78
C PHE A 264 -10.47 -18.40 5.88
N CYS A 265 -10.22 -17.09 5.93
CA CYS A 265 -9.30 -16.56 6.93
C CYS A 265 -9.78 -16.84 8.36
N ASP A 266 -11.09 -16.74 8.59
CA ASP A 266 -11.69 -16.99 9.90
C ASP A 266 -11.42 -18.43 10.38
N LYS A 267 -11.72 -19.41 9.50
CA LYS A 267 -11.45 -20.85 9.71
C LYS A 267 -10.00 -21.17 10.09
N TYR A 268 -9.06 -20.55 9.37
CA TYR A 268 -7.65 -20.90 9.48
C TYR A 268 -6.89 -19.93 10.33
N ASN A 269 -7.61 -19.05 11.02
CA ASN A 269 -6.99 -18.07 11.91
C ASN A 269 -6.00 -17.15 11.20
N LEU A 270 -6.40 -16.64 10.04
CA LEU A 270 -5.60 -15.66 9.32
C LEU A 270 -6.31 -14.33 9.43
N ILE A 271 -5.54 -13.25 9.47
CA ILE A 271 -6.09 -11.92 9.38
C ILE A 271 -6.39 -11.59 7.90
N PHE A 272 -7.66 -11.36 7.58
CA PHE A 272 -8.05 -10.87 6.28
C PHE A 272 -7.97 -9.33 6.22
N ILE A 273 -7.12 -8.80 5.34
CA ILE A 273 -6.95 -7.35 5.17
C ILE A 273 -7.30 -6.98 3.73
N PRO A 274 -8.58 -6.68 3.46
CA PRO A 274 -8.91 -6.27 2.09
C PRO A 274 -8.28 -4.90 1.73
N SER A 275 -7.92 -4.71 0.46
CA SER A 275 -7.40 -3.45 -0.01
C SER A 275 -8.46 -2.77 -0.86
N VAL A 276 -8.69 -1.50 -0.56
CA VAL A 276 -9.72 -0.71 -1.22
C VAL A 276 -9.03 0.45 -1.88
N GLY A 277 -9.44 0.76 -3.12
CA GLY A 277 -8.94 1.93 -3.84
C GLY A 277 -10.02 2.86 -4.36
N PRO A 278 -9.67 4.12 -4.64
CA PRO A 278 -10.62 5.11 -5.16
C PRO A 278 -10.85 5.06 -6.65
N GLY A 279 -9.96 4.37 -7.34
CA GLY A 279 -10.04 4.19 -8.79
C GLY A 279 -8.73 3.58 -9.27
N TYR A 280 -8.53 3.51 -10.58
CA TYR A 280 -7.29 3.05 -11.16
C TYR A 280 -7.18 3.63 -12.56
N ILE A 281 -6.02 4.19 -12.88
CA ILE A 281 -5.67 4.51 -14.26
C ILE A 281 -4.15 4.65 -14.38
N ASP A 282 -3.54 3.76 -15.19
CA ASP A 282 -2.08 3.76 -15.34
C ASP A 282 -1.65 4.00 -16.76
N THR A 283 -2.52 4.55 -17.59
CA THR A 283 -2.21 4.68 -19.01
C THR A 283 -1.11 5.69 -19.38
N SER A 284 -0.66 6.53 -18.43
CA SER A 284 0.54 7.37 -18.65
C SER A 284 1.84 6.56 -18.67
N ILE A 285 1.86 5.40 -18.03
CA ILE A 285 3.01 4.46 -18.08
C ILE A 285 2.70 3.07 -18.65
N ARG A 286 1.43 2.68 -18.73
CA ARG A 286 1.05 1.42 -19.38
C ARG A 286 -0.09 1.73 -20.30
N PRO A 287 0.20 2.37 -21.45
CA PRO A 287 -0.87 2.88 -22.34
C PRO A 287 -1.86 1.82 -22.86
N TRP A 288 -1.39 0.58 -22.98
CA TRP A 288 -2.22 -0.55 -23.40
C TRP A 288 -3.24 -1.03 -22.35
N ASN A 289 -3.11 -0.61 -21.09
CA ASN A 289 -3.80 -1.26 -19.96
C ASN A 289 -5.11 -0.55 -19.62
N THR A 290 -5.86 -0.20 -20.66
CA THR A 290 -7.13 0.50 -20.51
C THR A 290 -8.19 -0.38 -19.88
N GLN A 291 -8.05 -1.71 -19.97
CA GLN A 291 -9.05 -2.60 -19.41
C GLN A 291 -9.13 -2.47 -17.88
N ASN A 292 -8.04 -2.13 -17.23
CA ASN A 292 -8.06 -2.03 -15.75
C ASN A 292 -8.35 -0.62 -15.23
N THR A 293 -8.56 0.32 -16.14
CA THR A 293 -9.04 1.64 -15.77
C THR A 293 -10.40 1.55 -15.07
N ARG A 294 -10.55 2.27 -13.97
CA ARG A 294 -11.82 2.38 -13.31
C ARG A 294 -11.98 3.84 -13.03
N ASN A 295 -13.07 4.39 -13.54
CA ASN A 295 -13.38 5.80 -13.32
C ASN A 295 -13.80 6.02 -11.87
N ARG A 296 -13.39 7.16 -11.29
CA ARG A 296 -13.70 7.41 -9.90
C ARG A 296 -15.15 7.79 -9.66
N ILE A 297 -15.84 8.31 -10.69
CA ILE A 297 -17.24 8.78 -10.66
C ILE A 297 -17.61 9.53 -9.38
N ASN A 298 -16.76 10.48 -9.05
CA ASN A 298 -16.96 11.40 -7.95
C ASN A 298 -17.01 10.76 -6.56
N GLY A 299 -16.25 9.69 -6.35
CA GLY A 299 -16.25 9.00 -5.07
C GLY A 299 -17.08 7.72 -5.00
N LYS A 300 -17.98 7.51 -5.95
CA LYS A 300 -18.84 6.33 -5.88
C LYS A 300 -18.07 5.00 -5.95
N TYR A 301 -17.00 4.94 -6.73
CA TYR A 301 -16.24 3.70 -6.87
C TYR A 301 -15.58 3.34 -5.54
N TYR A 302 -14.96 4.33 -4.95
CA TYR A 302 -14.33 4.22 -3.68
C TYR A 302 -15.29 3.81 -2.57
N GLU A 303 -16.47 4.39 -2.55
CA GLU A 303 -17.44 4.10 -1.48
C GLU A 303 -18.07 2.71 -1.62
N ILE A 304 -18.31 2.27 -2.85
CA ILE A 304 -18.63 0.87 -3.12
C ILE A 304 -17.55 -0.09 -2.56
N GLY A 305 -16.29 0.28 -2.75
CA GLY A 305 -15.17 -0.48 -2.18
C GLY A 305 -15.19 -0.52 -0.67
N LEU A 306 -15.29 0.65 -0.06
CA LEU A 306 -15.24 0.74 1.39
C LEU A 306 -16.40 -0.06 2.01
N SER A 307 -17.59 0.08 1.42
CA SER A 307 -18.76 -0.63 1.89
C SER A 307 -18.51 -2.13 1.82
N ALA A 308 -18.04 -2.62 0.66
CA ALA A 308 -17.76 -4.05 0.47
C ALA A 308 -16.76 -4.57 1.49
N ALA A 309 -15.72 -3.79 1.79
CA ALA A 309 -14.78 -4.12 2.81
C ALA A 309 -15.46 -4.19 4.19
N LEU A 310 -16.30 -3.19 4.48
CA LEU A 310 -16.96 -3.10 5.79
C LEU A 310 -17.86 -4.28 6.07
N GLN A 311 -18.58 -4.73 5.04
CA GLN A 311 -19.52 -5.81 5.15
C GLN A 311 -18.85 -7.13 5.58
N THR A 312 -17.55 -7.30 5.31
CA THR A 312 -16.83 -8.51 5.74
C THR A 312 -16.38 -8.44 7.20
N ARG A 313 -16.66 -7.34 7.88
CA ARG A 313 -16.30 -7.18 9.29
C ARG A 313 -14.80 -7.48 9.55
N PRO A 314 -13.90 -6.79 8.83
CA PRO A 314 -12.51 -7.17 8.82
C PRO A 314 -11.79 -6.68 10.04
N SER A 315 -10.69 -7.33 10.37
CA SER A 315 -9.84 -6.91 11.47
C SER A 315 -9.04 -5.68 11.17
N LEU A 316 -8.65 -5.53 9.90
CA LEU A 316 -7.99 -4.32 9.42
C LEU A 316 -8.47 -4.09 8.04
N ILE A 317 -8.48 -2.83 7.61
CA ILE A 317 -8.67 -2.46 6.19
C ILE A 317 -7.43 -1.70 5.70
N SER A 318 -7.06 -1.96 4.45
CA SER A 318 -5.93 -1.28 3.79
C SER A 318 -6.43 -0.43 2.62
N ILE A 319 -5.80 0.72 2.39
CA ILE A 319 -6.18 1.59 1.28
C ILE A 319 -5.05 1.67 0.28
N THR A 320 -5.39 1.35 -0.95
CA THR A 320 -4.51 1.47 -2.09
C THR A 320 -4.96 2.67 -2.95
N SER A 321 -4.33 3.83 -2.81
CA SER A 321 -3.10 4.10 -2.04
C SER A 321 -3.11 5.53 -1.55
N PHE A 322 -2.06 5.92 -0.83
CA PHE A 322 -1.93 7.32 -0.52
C PHE A 322 -1.44 8.05 -1.74
N ASN A 323 -0.31 7.62 -2.30
CA ASN A 323 0.36 8.40 -3.32
C ASN A 323 1.08 7.53 -4.36
N GLU A 324 0.37 6.53 -4.90
CA GLU A 324 0.88 5.83 -6.10
C GLU A 324 0.26 6.59 -7.28
N TRP A 325 0.97 7.63 -7.71
CA TRP A 325 0.44 8.51 -8.77
C TRP A 325 0.48 7.86 -10.17
N HIS A 326 1.38 6.91 -10.38
CA HIS A 326 1.53 6.23 -11.67
C HIS A 326 0.31 5.40 -12.04
N GLU A 327 -0.30 4.77 -11.03
CA GLU A 327 -1.47 3.90 -11.20
C GLU A 327 -2.78 4.60 -10.91
N GLY A 328 -2.72 5.91 -10.60
CA GLY A 328 -3.93 6.71 -10.32
C GLY A 328 -4.82 6.19 -9.21
N THR A 329 -4.22 5.65 -8.15
CA THR A 329 -4.98 5.10 -7.04
C THR A 329 -4.88 5.97 -5.81
N GLN A 330 -4.16 7.09 -5.94
CA GLN A 330 -3.88 8.00 -4.84
C GLN A 330 -5.14 8.66 -4.29
N ILE A 331 -5.18 8.81 -2.97
CA ILE A 331 -6.17 9.63 -2.30
C ILE A 331 -5.59 11.02 -1.89
N GLU A 332 -4.26 11.18 -1.95
CA GLU A 332 -3.56 12.50 -1.82
C GLU A 332 -4.19 13.61 -2.66
N LYS A 333 -4.09 14.84 -2.18
CA LYS A 333 -4.72 15.98 -2.85
C LYS A 333 -4.18 16.21 -4.28
N ALA A 334 -5.11 16.28 -5.23
CA ALA A 334 -4.86 16.45 -6.67
C ALA A 334 -5.62 17.69 -7.15
N VAL A 335 -5.09 18.37 -8.18
CA VAL A 335 -5.62 19.65 -8.67
C VAL A 335 -5.76 19.65 -10.18
N PRO A 336 -6.71 20.44 -10.73
CA PRO A 336 -6.78 20.52 -12.19
C PRO A 336 -5.49 21.03 -12.83
N LYS A 337 -5.17 20.51 -14.01
CA LYS A 337 -3.99 20.97 -14.74
C LYS A 337 -4.12 20.58 -16.18
N ARG A 338 -3.71 21.51 -17.03
CA ARG A 338 -3.75 21.36 -18.47
C ARG A 338 -2.47 21.93 -19.05
N THR A 339 -1.90 21.24 -20.02
CA THR A 339 -0.78 21.73 -20.79
C THR A 339 -1.18 21.79 -22.27
N SER A 340 -0.24 22.17 -23.12
CA SER A 340 -0.48 22.27 -24.56
C SER A 340 -0.83 20.93 -25.21
N ASN A 341 -0.55 19.79 -24.55
CA ASN A 341 -1.04 18.49 -25.05
C ASN A 341 -1.79 17.55 -24.07
N THR A 342 -1.97 17.95 -22.81
CA THR A 342 -2.53 17.06 -21.79
C THR A 342 -3.61 17.75 -20.95
N VAL A 343 -4.79 17.15 -20.85
CA VAL A 343 -5.73 17.47 -19.78
C VAL A 343 -5.60 16.38 -18.72
N TYR A 344 -5.01 16.74 -17.58
CA TYR A 344 -4.88 15.80 -16.46
C TYR A 344 -6.28 15.55 -15.87
N LEU A 345 -6.49 14.35 -15.34
CA LEU A 345 -7.71 14.05 -14.58
C LEU A 345 -7.61 14.80 -13.26
N ASP A 346 -8.75 14.99 -12.63
CA ASP A 346 -8.79 15.67 -11.32
C ASP A 346 -10.02 15.26 -10.55
N TYR A 347 -10.26 15.90 -9.40
CA TYR A 347 -11.41 15.55 -8.58
C TYR A 347 -12.65 16.48 -8.78
N ARG A 348 -12.69 17.26 -9.86
CA ARG A 348 -13.81 18.16 -10.07
C ARG A 348 -15.06 17.34 -10.32
N PRO A 349 -16.24 17.81 -9.87
CA PRO A 349 -16.46 19.15 -9.32
C PRO A 349 -16.15 19.32 -7.83
N HIS A 350 -15.58 18.29 -7.21
CA HIS A 350 -15.27 18.35 -5.79
C HIS A 350 -13.89 18.95 -5.61
N LYS A 351 -13.45 19.05 -4.37
CA LYS A 351 -12.18 19.71 -4.02
C LYS A 351 -11.00 18.75 -4.04
N PRO A 352 -9.77 19.28 -3.98
CA PRO A 352 -8.59 18.42 -3.91
C PRO A 352 -8.60 17.41 -2.74
N GLY A 353 -9.22 17.77 -1.62
CA GLY A 353 -9.33 16.89 -0.48
C GLY A 353 -10.49 15.92 -0.49
N LEU A 354 -11.21 15.76 -1.58
CA LEU A 354 -12.39 14.86 -1.63
C LEU A 354 -12.12 13.47 -1.05
N TYR A 355 -11.06 12.80 -1.52
CA TYR A 355 -10.77 11.42 -1.11
C TYR A 355 -10.32 11.35 0.36
N LEU A 356 -9.70 12.42 0.87
CA LEU A 356 -9.43 12.52 2.29
C LEU A 356 -10.70 12.60 3.12
N GLU A 357 -11.66 13.38 2.64
CA GLU A 357 -12.93 13.59 3.32
C GLU A 357 -13.77 12.31 3.28
N LEU A 358 -13.80 11.62 2.13
CA LEU A 358 -14.53 10.35 2.04
C LEU A 358 -13.91 9.28 2.95
N THR A 359 -12.59 9.28 3.06
CA THR A 359 -11.94 8.32 3.91
C THR A 359 -12.28 8.60 5.37
N ARG A 360 -12.26 9.87 5.77
CA ARG A 360 -12.59 10.28 7.15
C ARG A 360 -13.99 9.80 7.52
N LYS A 361 -14.94 10.05 6.63
CA LYS A 361 -16.26 9.49 6.76
C LYS A 361 -16.21 7.98 7.08
N TRP A 362 -15.58 7.21 6.21
CA TRP A 362 -15.68 5.75 6.28
C TRP A 362 -14.82 5.15 7.39
N SER A 363 -13.73 5.83 7.72
CA SER A 363 -12.89 5.50 8.85
C SER A 363 -13.68 5.53 10.16
N GLU A 364 -14.51 6.55 10.31
CA GLU A 364 -15.27 6.73 11.54
C GLU A 364 -16.36 5.66 11.59
N LYS A 365 -17.00 5.38 10.45
CA LYS A 365 -18.00 4.32 10.38
CA LYS A 365 -18.00 4.32 10.39
C LYS A 365 -17.37 2.96 10.73
N TYR A 366 -16.26 2.61 10.07
CA TYR A 366 -15.53 1.39 10.41
C TYR A 366 -15.17 1.33 11.88
N SER A 367 -14.61 2.41 12.39
CA SER A 367 -14.16 2.47 13.77
C SER A 367 -15.30 2.18 14.76
N LYS A 368 -16.48 2.75 14.50
CA LYS A 368 -17.65 2.44 15.31
C LYS A 368 -18.11 1.00 15.14
N GLU A 369 -18.35 0.54 13.92
CA GLU A 369 -18.77 -0.86 13.71
C GLU A 369 -17.79 -1.90 14.23
N ARG A 370 -16.50 -1.64 14.08
CA ARG A 370 -15.47 -2.59 14.49
C ARG A 370 -15.50 -2.86 15.99
N ALA A 371 -15.82 -1.83 16.77
CA ALA A 371 -15.86 -1.96 18.23
C ALA A 371 -16.92 -2.95 18.71
N THR A 372 -17.90 -3.26 17.86
CA THR A 372 -18.95 -4.22 18.16
C THR A 372 -18.65 -5.65 17.68
N TYR A 373 -17.49 -5.87 17.06
CA TYR A 373 -17.14 -7.20 16.55
C TYR A 373 -16.76 -8.15 17.67
N ALA A 374 -16.00 -7.67 18.65
CA ALA A 374 -15.38 -8.52 19.69
C ALA A 374 -16.39 -9.30 20.52
N LEU A 375 -15.98 -10.49 20.95
CA LEU A 375 -16.87 -11.40 21.70
C LEU A 375 -17.25 -10.81 23.06
N ASP A 376 -16.28 -10.24 23.78
CA ASP A 376 -16.54 -9.49 25.03
C ASP A 376 -17.55 -8.32 24.91
N ARG A 377 -17.75 -7.80 23.69
CA ARG A 377 -18.71 -6.73 23.38
C ARG A 377 -20.08 -7.21 22.85
N GLN A 378 -20.28 -8.53 22.79
CA GLN A 378 -21.45 -9.11 22.11
C GLN A 378 -22.75 -8.92 22.95
N LEU A 379 -23.85 -8.61 22.26
CA LEU A 379 -25.13 -8.22 22.89
C LEU A 379 -25.96 -9.42 23.36
N PRO A 380 -26.64 -9.28 24.53
CA PRO A 380 -27.72 -10.20 24.91
C PRO A 380 -28.86 -10.26 23.89
N1 EPE B . 7.40 -2.42 -7.91
C2 EPE B . 6.56 -1.24 -7.63
C3 EPE B . 5.72 -1.42 -6.37
N4 EPE B . 4.75 -2.51 -6.61
C5 EPE B . 5.32 -3.68 -7.31
C6 EPE B . 6.84 -3.69 -7.39
C7 EPE B . 3.98 -2.97 -5.44
C8 EPE B . 3.27 -1.87 -4.64
O8 EPE B . 4.03 -1.56 -3.48
C9 EPE B . 7.74 -2.50 -9.34
C10 EPE B . 9.08 -3.21 -9.45
S EPE B . 10.10 -2.77 -10.69
O1S EPE B . 11.40 -2.49 -10.02
O2S EPE B . 9.68 -1.57 -11.46
O3S EPE B . 10.20 -3.93 -11.58
MG MG C . -6.85 -14.98 18.06
O1 TEW D . -7.61 -11.55 20.14
O2 TEW D . -7.57 -11.11 22.63
O3 TEW D . -6.03 -9.61 20.82
O4 TEW D . -6.33 -13.34 21.84
O5 TEW D . -4.49 -11.17 22.47
O6 TEW D . -4.86 -12.06 19.97
O7 TEW D . -8.91 -9.30 20.80
O8 TEW D . -5.98 -10.17 18.24
O9 TEW D . -7.17 -7.70 19.19
O10 TEW D . -8.80 -9.84 18.29
O11 TEW D . -10.45 -10.99 22.71
O12 TEW D . -10.45 -11.39 20.17
O13 TEW D . -9.13 -13.11 21.75
O14 TEW D . -9.22 -12.77 24.22
O15 TEW D . -6.27 -13.00 24.38
O16 TEW D . -7.85 -15.10 23.26
O17 TEW D . -11.64 -9.23 20.76
O18 TEW D . -11.71 -9.91 18.18
O19 TEW D . -10.42 -7.52 19.06
O20 TEW D . -12.16 -12.90 21.96
O21 TEW D . -13.44 -11.48 20.26
O22 TEW D . -13.22 -10.30 22.76
O23 TEW D . -11.87 -12.82 24.63
O31 TEW D . -10.81 -14.94 23.12
TE1 TEW D . -9.02 -11.16 21.40
W1 TEW D . -5.75 -11.52 21.37
W2 TEW D . -7.19 -9.45 19.27
W3 TEW D . -7.61 -13.37 23.34
W4 TEW D . -10.45 -9.25 19.20
W5 TEW D . -12.28 -10.97 21.44
W6 TEW D . -10.82 -13.22 23.31
O1 TEW E . -21.25 26.81 -15.35
O1 TEW E . -19.29 25.39 -14.35
O2 TEW E . -22.15 24.90 -13.88
O2 TEW E . -20.32 23.65 -15.92
O3 TEW E . -21.44 24.76 -16.66
O3 TEW E . -19.02 26.14 -16.74
O4 TEW E . -24.03 26.64 -14.68
O4 TEW E . -22.07 25.05 -14.76
O5 TEW E . -24.13 24.17 -15.84
O5 TEW E . -21.66 25.72 -17.50
O6 TEW E . -23.40 26.43 -17.28
O6 TEW E . -21.10 27.47 -15.45
O7 TEW E . -19.45 25.29 -14.49
O7 TEW E . -17.49 24.01 -15.62
O8 TEW E . -20.17 26.67 -18.20
O8 TEW E . -17.87 27.90 -14.87
O9 TEW E . -18.69 24.54 -17.31
O9 TEW E . -16.35 26.52 -16.69
O10 TEW E . -18.49 27.07 -16.03
O10 TEW E . -16.45 25.65 -14.01
O11 TEW E . -20.38 25.65 -11.76
O11 TEW E . -18.79 21.57 -14.78
O12 TEW E . -19.62 27.69 -13.32
O12 TEW E . -17.68 23.23 -13.16
O13 TEW E . -22.22 27.27 -12.69
O13 TEW E . -20.50 23.02 -13.40
O14 TEW E . -23.20 25.47 -11.22
O14 TEW E . -21.59 21.31 -14.97
O15 TEW E . -24.85 24.41 -13.24
O15 TEW E . -23.15 23.04 -16.29
O16 TEW E . -25.03 27.04 -12.30
O16 TEW E . -23.41 22.91 -13.54
O17 TEW E . -17.73 26.03 -12.50
O17 TEW E . -15.95 21.94 -14.50
O18 TEW E . -16.95 28.28 -14.11
O18 TEW E . -14.83 23.76 -12.76
O19 TEW E . -16.46 25.69 -14.57
O19 TEW E . -14.56 24.14 -15.42
O20 TEW E . -20.38 27.96 -10.67
O20 TEW E . -18.89 20.83 -12.40
O21 TEW E . -17.84 28.63 -11.34
O21 TEW E . -16.20 21.11 -11.87
O22 TEW E . -18.30 26.37 -9.89
O22 TEW E . -16.92 19.47 -13.93
O23 TEW E . -21.25 26.02 -9.08
O23 TEW E . -20.26 19.10 -14.12
O31 TEW E . -23.03 27.97 -10.02
O31 TEW E . -21.61 20.61 -12.23
TE1 TEW E . -20.83 26.25 -13.52
TE1 TEW E . -19.01 23.48 -14.53
W1 TEW E . -23.06 25.50 -15.85
W1 TEW E . -20.80 25.85 -16.02
W2 TEW E . -19.74 25.81 -16.76
W2 TEW E . -17.54 26.32 -15.45
W3 TEW E . -23.96 25.87 -12.96
W3 TEW E . -22.25 23.11 -14.80
W4 TEW E . -17.77 26.76 -14.25
W4 TEW E . -15.74 23.86 -14.21
W5 TEW E . -18.74 27.17 -11.35
W5 TEW E . -17.16 21.06 -13.27
W6 TEW E . -21.91 26.73 -10.48
W6 TEW E . -20.48 20.72 -13.54
O1 TEW F . 18.51 -27.60 -0.46
O2 TEW F . 16.28 -26.32 -0.35
O3 TEW F . 17.91 -26.85 1.90
O4 TEW F . 15.93 -28.80 -0.66
O5 TEW F . 15.40 -27.88 1.94
O6 TEW F . 17.49 -29.60 1.41
O7 TEW F . 18.74 -25.00 -0.13
O8 TEW F . 20.38 -28.13 1.71
O9 TEW F . 20.18 -25.46 2.38
O10 TEW F . 20.96 -26.22 -0.21
O11 TEW F . 17.15 -24.56 -2.43
O12 TEW F . 19.41 -25.82 -2.53
O13 TEW F . 16.88 -27.14 -2.75
O14 TEW F . 14.68 -25.89 -2.71
O15 TEW F . 13.57 -27.30 -0.65
O16 TEW F . 14.36 -28.65 -2.93
O17 TEW F . 19.67 -23.32 -2.20
O18 TEW F . 22.06 -24.74 -2.18
O19 TEW F . 21.18 -23.45 0.10
O20 TEW F . 17.77 -25.32 -4.77
O21 TEW F . 20.29 -24.28 -4.79
O22 TEW F . 18.18 -22.58 -4.33
O23 TEW F . 15.31 -24.02 -4.64
O31 TEW F . 15.50 -26.69 -5.28
TE1 TEW F . 17.84 -26.08 -1.44
W1 TEW F . 16.78 -28.10 0.94
W2 TEW F . 19.72 -26.63 1.18
W3 TEW F . 14.92 -27.54 -1.74
W4 TEW F . 20.69 -24.55 -1.13
W5 TEW F . 18.89 -24.07 -3.82
W6 TEW F . 15.95 -25.51 -4.09
#